data_2OXB
#
_entry.id   2OXB
#
_cell.length_a   106.454
_cell.length_b   106.454
_cell.length_c   50.548
_cell.angle_alpha   90.00
_cell.angle_beta   90.00
_cell.angle_gamma   120.00
#
_symmetry.space_group_name_H-M   'P 32'
#
loop_
_entity.id
_entity.type
_entity.pdbx_description
1 polymer Beta-fructofuranosidase
2 branched beta-D-fructofuranose-(2-1)-alpha-D-glucopyranose
3 non-polymer 2-acetamido-2-deoxy-beta-D-glucopyranose
4 water water
#
_entity_poly.entity_id   1
_entity_poly.type   'polypeptide(L)'
_entity_poly.pdbx_seq_one_letter_code
;NQPYRTGFHFQPPKNWMNDPNGPMIYKGIYHLFYQWNPKGAVWGNIVWAHSTSTDLINWDPHPPAIFPSAPFDINGCWSG
SATILPNGKPVILYTGIDPKNQQVQNIAEPKNLSDPYLREWKKSPLNPLMAPDAVNGINASSFRDPTTAWLGQDKKWRVI
IGSKIHRRGLAITYTSKDFLKWEKSPEPLHYDDGSGMWQCPDFFPVTRFGSNGVETSSFGEPNEILKHVLKISLDDTKHD
YYTIGTYDRVKDKFVPDNGFKMDGTAPRYDYGKYYASKTFFDSAKNRRILWGWTNESSSVEDDVEKGWSGIQTIPRKIWL
DRSGKQLIQWPVREVERLRTKQVKNLRNKVLKSGSRLEVYGVTAAQADVEVLFKVRDLEKADVIEPSWTDPQLICSKMNV
SVKSGLGPFGLMVLASKNLEEYTSVYFRIFKARQNSNKYVVLMCSDQSRSSLKEDNDKTTYGAFVDINPHQPLSLRALID
HSVVESFGGKGRACITSRVYPKLAIGKSSHLFAFNYGYQSVDVLNLNAWSMNSAQIS
;
_entity_poly.pdbx_strand_id   A
#
loop_
_chem_comp.id
_chem_comp.type
_chem_comp.name
_chem_comp.formula
FRU D-saccharide, beta linking beta-D-fructofuranose 'C6 H12 O6'
GLC D-saccharide, alpha linking alpha-D-glucopyranose 'C6 H12 O6'
NAG D-saccharide, beta linking 2-acetamido-2-deoxy-beta-D-glucopyranose 'C8 H15 N O6'
#
# COMPACT_ATOMS: atom_id res chain seq x y z
N ASN A 1 27.23 7.19 4.53
CA ASN A 1 26.98 8.62 4.86
C ASN A 1 25.52 8.79 5.31
N GLN A 2 24.69 7.80 5.00
CA GLN A 2 23.29 7.83 5.38
C GLN A 2 22.73 6.42 5.55
N PRO A 3 22.48 6.02 6.82
CA PRO A 3 21.95 4.70 7.18
C PRO A 3 20.43 4.61 7.21
N TYR A 4 19.76 5.53 6.53
CA TYR A 4 18.31 5.47 6.55
C TYR A 4 17.72 5.04 5.22
N ARG A 5 18.57 4.84 4.23
CA ARG A 5 18.13 4.41 2.92
C ARG A 5 17.85 2.91 2.95
N THR A 6 16.94 2.43 2.11
CA THR A 6 16.63 1.00 2.06
C THR A 6 17.56 0.25 1.14
N GLY A 7 17.80 -1.01 1.46
CA GLY A 7 18.67 -1.85 0.64
C GLY A 7 17.94 -2.74 -0.35
N PHE A 8 16.75 -3.23 -0.01
CA PHE A 8 16.03 -4.11 -0.91
C PHE A 8 14.63 -3.64 -1.31
N HIS A 9 14.30 -2.41 -1.01
CA HIS A 9 12.97 -1.93 -1.41
C HIS A 9 13.10 -1.25 -2.76
N PHE A 10 12.85 0.06 -2.78
CA PHE A 10 12.98 0.85 -3.99
C PHE A 10 12.80 2.33 -3.69
N GLN A 11 13.61 3.13 -4.35
CA GLN A 11 13.58 4.55 -4.18
C GLN A 11 14.55 5.18 -5.15
N PRO A 12 14.42 6.49 -5.37
CA PRO A 12 15.33 7.17 -6.29
C PRO A 12 16.67 7.26 -5.59
N PRO A 13 17.77 7.30 -6.36
CA PRO A 13 19.10 7.40 -5.75
C PRO A 13 19.31 8.79 -5.17
N LYS A 14 18.35 9.68 -5.41
CA LYS A 14 18.42 11.04 -4.94
C LYS A 14 17.11 11.79 -5.17
N ASN A 15 16.77 12.71 -4.26
CA ASN A 15 15.57 13.54 -4.33
C ASN A 15 14.19 12.93 -4.09
N TRP A 16 13.19 13.84 -3.99
CA TRP A 16 11.78 13.52 -3.73
C TRP A 16 11.13 12.53 -4.67
N MET A 17 10.19 11.77 -4.10
CA MET A 17 9.42 10.75 -4.82
C MET A 17 7.98 10.74 -4.30
N ASN A 18 7.02 10.49 -5.18
CA ASN A 18 5.61 10.49 -4.76
C ASN A 18 4.82 9.27 -5.24
N ASP A 19 3.66 9.54 -5.84
CA ASP A 19 2.76 8.52 -6.35
C ASP A 19 3.41 7.51 -7.32
N PRO A 20 2.87 6.28 -7.33
CA PRO A 20 3.30 5.18 -8.20
C PRO A 20 2.45 5.35 -9.45
N ASN A 21 3.08 5.38 -10.63
CA ASN A 21 2.32 5.58 -11.87
C ASN A 21 2.49 4.46 -12.90
N GLY A 22 1.40 4.20 -13.62
CA GLY A 22 1.37 3.20 -14.69
C GLY A 22 2.09 1.86 -14.53
N PRO A 23 1.75 1.09 -13.49
CA PRO A 23 2.40 -0.20 -13.28
C PRO A 23 1.82 -1.28 -14.18
N MET A 24 2.67 -1.95 -14.95
CA MET A 24 2.18 -3.03 -15.81
C MET A 24 3.30 -3.93 -16.28
N ILE A 25 2.94 -4.83 -17.17
CA ILE A 25 3.86 -5.79 -17.74
C ILE A 25 3.63 -5.79 -19.24
N TYR A 26 4.73 -5.84 -19.99
CA TYR A 26 4.71 -5.84 -21.45
C TYR A 26 5.93 -6.63 -21.92
N LYS A 27 5.69 -7.66 -22.71
CA LYS A 27 6.78 -8.51 -23.19
C LYS A 27 7.59 -8.99 -21.97
N GLY A 28 6.89 -9.61 -21.03
CA GLY A 28 7.53 -10.14 -19.84
C GLY A 28 8.29 -9.14 -18.98
N ILE A 29 8.36 -7.89 -19.43
CA ILE A 29 9.07 -6.87 -18.69
C ILE A 29 8.12 -5.93 -17.93
N TYR A 30 8.27 -5.87 -16.62
CA TYR A 30 7.43 -5.02 -15.80
C TYR A 30 7.89 -3.58 -15.96
N HIS A 31 7.02 -2.65 -15.59
CA HIS A 31 7.32 -1.24 -15.69
C HIS A 31 6.82 -0.51 -14.43
N LEU A 32 7.54 0.54 -14.06
CA LEU A 32 7.17 1.37 -12.93
C LEU A 32 7.59 2.79 -13.26
N PHE A 33 6.63 3.70 -13.16
CA PHE A 33 6.91 5.09 -13.39
C PHE A 33 6.58 5.64 -12.00
N TYR A 34 6.53 6.96 -11.87
CA TYR A 34 6.22 7.58 -10.59
C TYR A 34 6.50 9.07 -10.57
N GLN A 35 5.92 9.72 -9.58
CA GLN A 35 6.08 11.14 -9.39
C GLN A 35 7.48 11.37 -8.77
N TRP A 36 8.35 12.08 -9.49
CA TRP A 36 9.71 12.33 -9.03
C TRP A 36 10.21 13.77 -9.31
N ASN A 37 10.93 14.33 -8.35
CA ASN A 37 11.48 15.68 -8.50
C ASN A 37 12.96 15.61 -8.79
N PRO A 38 13.33 15.96 -10.02
CA PRO A 38 14.72 15.96 -10.49
C PRO A 38 15.55 17.11 -9.94
N LYS A 39 14.96 17.94 -9.11
CA LYS A 39 15.70 19.06 -8.60
C LYS A 39 15.97 19.06 -7.11
N GLY A 40 14.99 18.59 -6.33
CA GLY A 40 15.20 18.57 -4.89
C GLY A 40 14.54 17.41 -4.19
N ALA A 41 14.48 17.49 -2.86
CA ALA A 41 13.88 16.44 -2.06
C ALA A 41 12.47 16.81 -1.58
N VAL A 42 11.97 17.95 -2.04
CA VAL A 42 10.61 18.41 -1.70
C VAL A 42 9.76 18.39 -2.98
N TRP A 43 8.50 18.00 -2.86
CA TRP A 43 7.59 17.91 -4.01
C TRP A 43 7.83 19.08 -4.97
N GLY A 44 8.08 18.77 -6.23
CA GLY A 44 8.30 19.84 -7.18
C GLY A 44 8.78 19.31 -8.50
N ASN A 45 8.49 20.06 -9.57
CA ASN A 45 8.87 19.68 -10.92
C ASN A 45 8.60 18.19 -11.14
N ILE A 46 7.49 17.72 -10.58
CA ILE A 46 7.13 16.31 -10.72
C ILE A 46 7.12 15.83 -12.16
N VAL A 47 7.76 14.69 -12.38
CA VAL A 47 7.87 14.05 -13.69
C VAL A 47 7.65 12.55 -13.52
N TRP A 48 7.45 11.85 -14.63
CA TRP A 48 7.26 10.41 -14.60
C TRP A 48 8.59 9.67 -14.78
N ALA A 49 9.36 9.55 -13.69
CA ALA A 49 10.64 8.85 -13.72
C ALA A 49 10.30 7.40 -14.07
N HIS A 50 11.24 6.73 -14.73
CA HIS A 50 11.04 5.35 -15.17
C HIS A 50 12.07 4.37 -14.61
N SER A 51 11.69 3.10 -14.61
CA SER A 51 12.52 1.99 -14.15
C SER A 51 11.81 0.73 -14.65
N THR A 52 12.54 -0.39 -14.76
CA THR A 52 11.97 -1.66 -15.24
C THR A 52 12.42 -2.84 -14.35
N SER A 53 11.80 -4.01 -14.51
CA SER A 53 12.18 -5.16 -13.70
C SER A 53 11.75 -6.50 -14.30
N THR A 54 12.33 -7.58 -13.77
CA THR A 54 12.00 -8.93 -14.22
C THR A 54 11.53 -9.77 -13.02
N ASP A 55 11.68 -9.23 -11.82
CA ASP A 55 11.30 -9.93 -10.60
C ASP A 55 10.68 -9.00 -9.55
N LEU A 56 10.30 -7.80 -10.00
CA LEU A 56 9.72 -6.79 -9.13
C LEU A 56 10.58 -6.50 -7.92
N ILE A 57 11.88 -6.73 -8.03
CA ILE A 57 12.77 -6.49 -6.92
C ILE A 57 13.96 -5.66 -7.38
N ASN A 58 14.59 -6.10 -8.47
CA ASN A 58 15.74 -5.41 -9.05
C ASN A 58 15.24 -4.48 -10.14
N TRP A 59 15.60 -3.20 -10.03
CA TRP A 59 15.18 -2.22 -10.99
C TRP A 59 16.29 -1.49 -11.74
N ASP A 60 16.13 -1.45 -13.06
CA ASP A 60 17.06 -0.79 -13.96
C ASP A 60 16.43 0.58 -14.30
N PRO A 61 17.19 1.67 -14.17
CA PRO A 61 16.71 3.02 -14.45
C PRO A 61 16.43 3.34 -15.92
N HIS A 62 15.92 4.54 -16.15
CA HIS A 62 15.57 5.05 -17.47
C HIS A 62 15.21 6.52 -17.34
N PRO A 63 15.45 7.30 -18.40
CA PRO A 63 15.15 8.72 -18.41
C PRO A 63 13.63 8.96 -18.39
N PRO A 64 13.16 9.95 -17.60
CA PRO A 64 11.75 10.35 -17.44
C PRO A 64 10.95 10.24 -18.75
N ALA A 65 9.73 9.71 -18.66
CA ALA A 65 8.86 9.50 -19.83
C ALA A 65 7.76 10.54 -20.04
N ILE A 66 7.07 10.90 -18.97
CA ILE A 66 6.00 11.89 -19.03
C ILE A 66 6.49 13.08 -18.21
N PHE A 67 6.67 14.22 -18.89
CA PHE A 67 7.13 15.46 -18.29
C PHE A 67 6.60 16.60 -19.14
N PRO A 68 6.46 17.81 -18.54
CA PRO A 68 5.95 19.01 -19.22
C PRO A 68 6.70 19.38 -20.49
N SER A 69 6.03 19.20 -21.63
CA SER A 69 6.59 19.51 -22.95
C SER A 69 5.45 19.70 -23.95
N ALA A 70 4.40 20.37 -23.49
CA ALA A 70 3.25 20.62 -24.34
C ALA A 70 2.23 21.37 -23.50
N PRO A 71 1.34 22.13 -24.14
CA PRO A 71 0.30 22.89 -23.44
C PRO A 71 -0.39 22.10 -22.34
N PHE A 72 -1.13 21.07 -22.76
CA PHE A 72 -1.91 20.18 -21.90
C PHE A 72 -1.27 19.64 -20.62
N ASP A 73 -0.04 20.02 -20.34
CA ASP A 73 0.64 19.57 -19.12
C ASP A 73 1.86 20.43 -18.85
N ILE A 74 1.86 21.62 -19.44
CA ILE A 74 2.97 22.55 -19.31
C ILE A 74 3.25 22.88 -17.84
N ASN A 75 2.28 22.63 -16.97
CA ASN A 75 2.47 22.95 -15.56
C ASN A 75 2.65 21.76 -14.60
N GLY A 76 2.71 20.56 -15.16
CA GLY A 76 2.89 19.39 -14.32
C GLY A 76 2.45 18.09 -14.93
N CYS A 77 3.08 17.01 -14.53
CA CYS A 77 2.72 15.70 -15.02
C CYS A 77 2.33 14.85 -13.84
N TRP A 78 1.04 14.94 -13.49
CA TRP A 78 0.45 14.23 -12.38
C TRP A 78 0.23 12.73 -12.62
N SER A 79 -0.09 12.03 -11.54
CA SER A 79 -0.34 10.58 -11.53
C SER A 79 -1.25 10.11 -12.66
N GLY A 80 -1.04 8.87 -13.08
CA GLY A 80 -1.83 8.29 -14.15
C GLY A 80 -1.80 6.78 -14.02
N SER A 81 -2.17 6.09 -15.09
CA SER A 81 -2.21 4.63 -15.12
C SER A 81 -2.07 4.11 -16.54
N ALA A 82 -1.80 2.81 -16.66
CA ALA A 82 -1.65 2.19 -17.98
C ALA A 82 -2.62 1.04 -18.17
N THR A 83 -3.33 1.06 -19.31
CA THR A 83 -4.32 0.04 -19.66
C THR A 83 -3.67 -0.93 -20.65
N ILE A 84 -4.06 -2.20 -20.61
CA ILE A 84 -3.51 -3.18 -21.57
C ILE A 84 -4.55 -3.34 -22.68
N LEU A 85 -4.27 -2.77 -23.84
CA LEU A 85 -5.19 -2.86 -24.97
C LEU A 85 -5.39 -4.32 -25.40
N PRO A 86 -6.62 -4.69 -25.81
CA PRO A 86 -7.01 -6.04 -26.25
C PRO A 86 -6.23 -6.55 -27.46
N ASN A 87 -4.93 -6.27 -27.46
CA ASN A 87 -4.06 -6.70 -28.52
C ASN A 87 -2.64 -6.74 -28.01
N GLY A 88 -2.45 -6.28 -26.77
CA GLY A 88 -1.12 -6.29 -26.17
C GLY A 88 -0.42 -4.93 -26.21
N LYS A 89 -1.15 -3.88 -26.53
CA LYS A 89 -0.59 -2.54 -26.58
C LYS A 89 -0.85 -1.85 -25.25
N PRO A 90 0.17 -1.15 -24.71
CA PRO A 90 0.04 -0.44 -23.43
C PRO A 90 0.05 1.08 -23.58
N VAL A 91 -1.05 1.73 -23.23
CA VAL A 91 -1.13 3.19 -23.32
C VAL A 91 -1.06 3.80 -21.92
N ILE A 92 -1.34 5.10 -21.80
CA ILE A 92 -1.33 5.76 -20.49
C ILE A 92 -2.34 6.90 -20.39
N LEU A 93 -2.93 7.04 -19.21
CA LEU A 93 -3.89 8.10 -18.94
C LEU A 93 -3.35 8.88 -17.75
N TYR A 94 -2.83 10.08 -18.01
CA TYR A 94 -2.29 10.89 -16.91
C TYR A 94 -2.88 12.30 -16.92
N THR A 95 -2.92 12.89 -15.72
CA THR A 95 -3.43 14.23 -15.49
C THR A 95 -2.34 15.30 -15.65
N GLY A 96 -2.48 16.15 -16.64
CA GLY A 96 -1.52 17.21 -16.84
C GLY A 96 -2.13 18.55 -16.42
N ILE A 97 -1.30 19.56 -16.21
CA ILE A 97 -1.83 20.86 -15.82
C ILE A 97 -1.53 21.81 -16.98
N ASP A 98 -2.59 22.32 -17.63
CA ASP A 98 -2.42 23.23 -18.76
C ASP A 98 -2.01 24.65 -18.35
N PRO A 99 -1.69 25.53 -19.33
CA PRO A 99 -1.27 26.89 -19.03
C PRO A 99 -2.12 27.73 -18.09
N LYS A 100 -3.33 27.30 -17.82
CA LYS A 100 -4.17 28.04 -16.90
C LYS A 100 -4.50 27.15 -15.72
N ASN A 101 -3.46 26.55 -15.15
CA ASN A 101 -3.61 25.68 -13.99
C ASN A 101 -4.98 25.00 -13.76
N GLN A 102 -5.30 24.00 -14.59
CA GLN A 102 -6.57 23.29 -14.44
C GLN A 102 -6.38 21.82 -14.86
N GLN A 103 -6.66 20.93 -13.92
CA GLN A 103 -6.50 19.50 -14.14
C GLN A 103 -7.20 18.86 -15.31
N VAL A 104 -6.44 18.67 -16.38
CA VAL A 104 -6.94 18.04 -17.60
C VAL A 104 -6.39 16.62 -17.70
N GLN A 105 -7.06 15.80 -18.50
CA GLN A 105 -6.65 14.42 -18.71
C GLN A 105 -6.10 14.24 -20.09
N ASN A 106 -4.90 13.66 -20.13
CA ASN A 106 -4.17 13.42 -21.37
C ASN A 106 -3.81 11.97 -21.54
N ILE A 107 -3.60 11.56 -22.79
CA ILE A 107 -3.22 10.19 -23.11
C ILE A 107 -1.82 10.16 -23.74
N ALA A 108 -1.09 9.06 -23.55
CA ALA A 108 0.25 8.89 -24.07
C ALA A 108 0.59 7.45 -24.51
N GLU A 109 0.98 7.26 -25.76
CA GLU A 109 1.34 5.94 -26.28
C GLU A 109 2.87 5.88 -26.46
N PRO A 110 3.45 4.67 -26.55
CA PRO A 110 4.89 4.48 -26.72
C PRO A 110 5.40 4.73 -28.15
N LYS A 111 6.69 4.99 -28.29
CA LYS A 111 7.30 5.25 -29.60
C LYS A 111 7.71 3.97 -30.34
N ASN A 112 8.90 3.46 -30.05
CA ASN A 112 9.37 2.23 -30.66
C ASN A 112 8.51 1.10 -30.10
N LEU A 113 7.46 0.74 -30.86
CA LEU A 113 6.51 -0.31 -30.47
C LEU A 113 7.13 -1.70 -30.27
N SER A 114 8.38 -1.85 -30.68
CA SER A 114 9.06 -3.13 -30.52
C SER A 114 10.07 -3.08 -29.37
N ASP A 115 10.37 -1.87 -28.89
CA ASP A 115 11.31 -1.70 -27.77
C ASP A 115 10.68 -2.29 -26.51
N PRO A 116 11.38 -3.25 -25.88
CA PRO A 116 10.90 -3.91 -24.66
C PRO A 116 11.05 -3.02 -23.43
N TYR A 117 11.59 -1.82 -23.62
CA TYR A 117 11.78 -0.91 -22.51
C TYR A 117 10.78 0.23 -22.48
N LEU A 118 10.21 0.56 -23.63
CA LEU A 118 9.22 1.64 -23.74
C LEU A 118 9.68 2.93 -23.04
N ARG A 119 10.91 3.33 -23.30
CA ARG A 119 11.47 4.52 -22.68
C ARG A 119 11.02 5.84 -23.31
N GLU A 120 10.65 5.82 -24.59
CA GLU A 120 10.18 7.06 -25.21
C GLU A 120 8.66 7.06 -25.43
N TRP A 121 7.96 7.91 -24.68
CA TRP A 121 6.52 7.98 -24.82
C TRP A 121 6.03 9.13 -25.69
N LYS A 122 5.15 8.77 -26.61
CA LYS A 122 4.56 9.72 -27.55
C LYS A 122 3.25 10.21 -26.92
N LYS A 123 3.05 11.52 -26.95
CA LYS A 123 1.87 12.14 -26.37
C LYS A 123 1.00 12.81 -27.45
N SER A 124 -0.18 12.25 -27.69
CA SER A 124 -1.12 12.77 -28.71
C SER A 124 -1.31 14.28 -28.64
N PRO A 125 -1.63 14.89 -29.79
CA PRO A 125 -1.86 16.34 -29.93
C PRO A 125 -3.32 16.67 -29.62
N LEU A 126 -4.16 15.63 -29.67
CA LEU A 126 -5.56 15.81 -29.39
C LEU A 126 -5.76 16.00 -27.90
N ASN A 127 -4.70 15.84 -27.11
CA ASN A 127 -4.82 16.00 -25.66
C ASN A 127 -5.14 17.45 -25.29
N PRO A 128 -5.91 17.66 -24.20
CA PRO A 128 -6.53 16.67 -23.30
C PRO A 128 -7.80 16.02 -23.85
N LEU A 129 -8.02 14.75 -23.50
CA LEU A 129 -9.21 14.00 -23.93
C LEU A 129 -10.39 14.33 -23.02
N MET A 130 -10.09 14.73 -21.80
CA MET A 130 -11.13 15.08 -20.84
C MET A 130 -10.70 16.30 -20.05
N ALA A 131 -11.60 17.26 -19.93
CA ALA A 131 -11.27 18.46 -19.20
C ALA A 131 -12.48 19.10 -18.56
N PRO A 132 -12.29 19.73 -17.41
CA PRO A 132 -13.42 20.39 -16.73
C PRO A 132 -13.77 21.66 -17.51
N ASP A 133 -15.04 21.85 -17.81
CA ASP A 133 -15.47 23.02 -18.56
C ASP A 133 -16.76 23.64 -18.00
N ALA A 134 -17.43 24.45 -18.81
CA ALA A 134 -18.68 25.11 -18.39
C ALA A 134 -19.88 24.18 -18.36
N VAL A 135 -19.88 23.17 -19.23
CA VAL A 135 -20.98 22.23 -19.26
C VAL A 135 -20.83 21.17 -18.16
N ASN A 136 -19.71 20.44 -18.15
CA ASN A 136 -19.49 19.42 -17.11
C ASN A 136 -19.37 20.10 -15.75
N GLY A 137 -18.83 21.31 -15.75
CA GLY A 137 -18.67 22.10 -14.54
C GLY A 137 -18.16 21.39 -13.31
N ILE A 138 -16.85 21.46 -13.11
CA ILE A 138 -16.25 20.81 -11.97
C ILE A 138 -14.98 21.52 -11.55
N ASN A 139 -14.72 21.53 -10.24
CA ASN A 139 -13.53 22.14 -9.67
C ASN A 139 -12.35 21.74 -10.56
N ALA A 140 -11.95 22.63 -11.46
CA ALA A 140 -10.82 22.34 -12.35
C ALA A 140 -9.57 22.00 -11.55
N SER A 141 -9.59 22.32 -10.26
CA SER A 141 -8.46 22.04 -9.38
C SER A 141 -8.69 20.77 -8.58
N SER A 142 -9.67 19.98 -9.03
CA SER A 142 -10.00 18.73 -8.38
C SER A 142 -10.58 17.73 -9.36
N PHE A 143 -9.80 17.41 -10.39
CA PHE A 143 -10.18 16.46 -11.45
C PHE A 143 -8.94 15.72 -11.99
N ARG A 144 -8.38 14.86 -11.16
CA ARG A 144 -7.19 14.14 -11.56
C ARG A 144 -7.16 12.69 -11.12
N ASP A 145 -6.06 12.01 -11.46
CA ASP A 145 -5.82 10.63 -11.10
C ASP A 145 -6.71 9.60 -11.77
N PRO A 146 -6.63 9.52 -13.10
CA PRO A 146 -7.44 8.56 -13.86
C PRO A 146 -6.92 7.14 -13.68
N THR A 147 -7.86 6.24 -13.49
CA THR A 147 -7.58 4.83 -13.28
C THR A 147 -7.33 4.13 -14.62
N THR A 148 -7.12 2.82 -14.52
CA THR A 148 -6.92 2.00 -15.70
C THR A 148 -8.32 1.93 -16.30
N ALA A 149 -8.38 1.66 -17.60
CA ALA A 149 -9.64 1.59 -18.32
C ALA A 149 -10.09 0.16 -18.61
N TRP A 150 -11.38 -0.08 -18.41
CA TRP A 150 -12.00 -1.37 -18.63
C TRP A 150 -13.15 -1.25 -19.63
N LEU A 151 -13.14 -2.15 -20.61
CA LEU A 151 -14.13 -2.21 -21.69
C LEU A 151 -15.58 -2.20 -21.23
N GLY A 152 -16.22 -3.37 -21.29
CA GLY A 152 -17.60 -3.48 -20.87
C GLY A 152 -18.33 -4.59 -21.61
N GLN A 153 -19.62 -4.71 -21.37
CA GLN A 153 -20.42 -5.73 -22.04
C GLN A 153 -20.64 -5.25 -23.47
N ASP A 154 -19.89 -4.21 -23.85
CA ASP A 154 -19.94 -3.62 -25.19
C ASP A 154 -18.56 -3.03 -25.53
N LYS A 155 -18.51 -2.19 -26.56
CA LYS A 155 -17.27 -1.55 -26.98
C LYS A 155 -16.92 -0.37 -26.09
N LYS A 156 -17.93 0.10 -25.36
CA LYS A 156 -17.78 1.26 -24.49
C LYS A 156 -16.71 1.11 -23.42
N TRP A 157 -15.62 1.84 -23.59
CA TRP A 157 -14.54 1.80 -22.62
C TRP A 157 -14.92 2.68 -21.42
N ARG A 158 -14.67 2.20 -20.22
CA ARG A 158 -15.01 2.97 -19.03
C ARG A 158 -13.77 3.22 -18.18
N VAL A 159 -13.76 4.38 -17.52
CA VAL A 159 -12.68 4.79 -16.63
C VAL A 159 -13.26 5.81 -15.65
N ILE A 160 -12.60 6.01 -14.52
CA ILE A 160 -13.09 6.96 -13.54
C ILE A 160 -11.99 7.91 -13.08
N ILE A 161 -12.40 9.11 -12.69
CA ILE A 161 -11.44 10.10 -12.24
C ILE A 161 -11.84 10.57 -10.87
N GLY A 162 -10.87 11.05 -10.10
CA GLY A 162 -11.18 11.50 -8.77
C GLY A 162 -11.51 12.97 -8.68
N SER A 163 -12.71 13.29 -8.18
CA SER A 163 -13.12 14.67 -8.01
C SER A 163 -13.75 14.94 -6.64
N LYS A 164 -14.54 16.01 -6.58
CA LYS A 164 -15.23 16.39 -5.36
C LYS A 164 -16.13 17.57 -5.69
N ILE A 165 -17.34 17.53 -5.12
CA ILE A 165 -18.33 18.57 -5.29
C ILE A 165 -18.75 18.99 -3.89
N HIS A 166 -18.25 20.14 -3.43
CA HIS A 166 -18.59 20.67 -2.11
C HIS A 166 -18.49 19.57 -1.02
N ARG A 167 -17.28 19.06 -0.82
CA ARG A 167 -17.05 18.00 0.16
C ARG A 167 -17.59 16.64 -0.25
N ARG A 168 -18.32 16.60 -1.36
CA ARG A 168 -18.88 15.34 -1.84
C ARG A 168 -17.88 14.58 -2.71
N GLY A 169 -17.14 13.65 -2.10
CA GLY A 169 -16.17 12.86 -2.83
C GLY A 169 -16.81 11.90 -3.83
N LEU A 170 -16.21 11.76 -5.00
CA LEU A 170 -16.76 10.86 -5.99
C LEU A 170 -15.72 10.42 -7.02
N ALA A 171 -16.18 9.67 -8.02
CA ALA A 171 -15.34 9.16 -9.10
C ALA A 171 -16.06 9.41 -10.42
N ILE A 172 -15.70 10.46 -11.13
CA ILE A 172 -16.36 10.77 -12.39
C ILE A 172 -15.95 9.80 -13.49
N THR A 173 -16.93 9.21 -14.15
CA THR A 173 -16.59 8.27 -15.20
C THR A 173 -16.84 8.83 -16.60
N TYR A 174 -16.05 8.38 -17.55
CA TYR A 174 -16.17 8.79 -18.94
C TYR A 174 -16.22 7.55 -19.81
N THR A 175 -17.28 7.41 -20.59
CA THR A 175 -17.37 6.27 -21.49
C THR A 175 -16.64 6.70 -22.75
N SER A 176 -15.99 5.76 -23.43
CA SER A 176 -15.27 6.08 -24.65
C SER A 176 -15.72 5.20 -25.80
N LYS A 177 -15.92 5.84 -26.94
CA LYS A 177 -16.34 5.15 -28.14
C LYS A 177 -15.26 4.13 -28.52
N ASP A 178 -14.07 4.64 -28.80
CA ASP A 178 -12.90 3.85 -29.19
C ASP A 178 -11.59 4.37 -28.58
N PHE A 179 -11.60 4.63 -27.28
CA PHE A 179 -10.43 5.11 -26.56
C PHE A 179 -9.90 6.42 -27.15
N LEU A 180 -10.80 7.25 -27.66
CA LEU A 180 -10.40 8.53 -28.25
C LEU A 180 -11.45 9.59 -27.90
N LYS A 181 -12.70 9.31 -28.24
CA LYS A 181 -13.80 10.23 -27.94
C LYS A 181 -14.34 9.78 -26.60
N TRP A 182 -14.24 10.63 -25.58
CA TRP A 182 -14.72 10.25 -24.27
C TRP A 182 -15.91 11.09 -23.82
N GLU A 183 -17.03 10.41 -23.64
CA GLU A 183 -18.27 11.03 -23.21
C GLU A 183 -18.29 11.05 -21.68
N LYS A 184 -18.65 12.20 -21.12
CA LYS A 184 -18.73 12.38 -19.68
C LYS A 184 -20.02 11.78 -19.14
N SER A 185 -19.89 10.65 -18.48
CA SER A 185 -21.03 9.95 -17.90
C SER A 185 -21.70 10.81 -16.82
N PRO A 186 -23.02 11.05 -16.95
CA PRO A 186 -23.87 11.86 -16.03
C PRO A 186 -24.08 11.30 -14.62
N GLU A 187 -23.29 10.31 -14.23
CA GLU A 187 -23.39 9.70 -12.88
C GLU A 187 -22.08 8.99 -12.47
N PRO A 188 -21.51 9.36 -11.31
CA PRO A 188 -20.27 8.75 -10.83
C PRO A 188 -20.45 7.29 -10.50
N LEU A 189 -19.42 6.48 -10.70
CA LEU A 189 -19.55 5.08 -10.38
C LEU A 189 -20.09 4.98 -8.97
N HIS A 190 -19.57 5.84 -8.09
CA HIS A 190 -20.01 5.90 -6.70
C HIS A 190 -19.64 7.26 -6.13
N TYR A 191 -19.83 7.43 -4.82
CA TYR A 191 -19.51 8.69 -4.14
C TYR A 191 -19.85 8.51 -2.66
N ASP A 192 -19.38 9.43 -1.84
CA ASP A 192 -19.64 9.38 -0.40
C ASP A 192 -19.65 10.82 0.14
N ASP A 193 -20.62 11.14 0.99
CA ASP A 193 -20.71 12.49 1.57
C ASP A 193 -19.94 12.57 2.88
N GLY A 194 -19.29 13.72 3.10
CA GLY A 194 -18.50 13.91 4.31
C GLY A 194 -17.04 13.91 3.91
N SER A 195 -16.54 12.77 3.45
CA SER A 195 -15.15 12.64 3.02
C SER A 195 -14.83 13.65 1.93
N GLY A 196 -13.69 14.30 2.05
CA GLY A 196 -13.33 15.29 1.04
C GLY A 196 -13.12 14.68 -0.33
N MET A 197 -12.16 15.27 -1.03
CA MET A 197 -11.75 14.87 -2.36
C MET A 197 -11.43 13.38 -2.41
N TRP A 198 -11.60 12.79 -3.59
CA TRP A 198 -11.29 11.38 -3.79
C TRP A 198 -10.08 11.33 -4.70
N GLN A 199 -8.99 10.76 -4.21
CA GLN A 199 -7.77 10.65 -5.02
C GLN A 199 -7.39 9.25 -5.40
N CYS A 200 -6.41 9.14 -6.29
CA CYS A 200 -5.91 7.85 -6.76
C CYS A 200 -6.95 6.75 -6.66
N PRO A 201 -8.04 6.85 -7.45
CA PRO A 201 -9.09 5.84 -7.45
C PRO A 201 -8.63 4.63 -8.25
N ASP A 202 -9.09 3.46 -7.85
CA ASP A 202 -8.71 2.25 -8.54
C ASP A 202 -9.90 1.32 -8.52
N PHE A 203 -10.24 0.78 -9.69
CA PHE A 203 -11.37 -0.11 -9.77
C PHE A 203 -10.93 -1.38 -10.48
N PHE A 204 -11.18 -2.52 -9.83
CA PHE A 204 -10.79 -3.85 -10.32
C PHE A 204 -11.60 -5.01 -9.70
N PRO A 205 -11.82 -6.10 -10.46
CA PRO A 205 -12.56 -7.27 -10.00
C PRO A 205 -11.66 -8.31 -9.29
N VAL A 206 -12.29 -9.16 -8.49
CA VAL A 206 -11.58 -10.24 -7.79
C VAL A 206 -12.50 -11.46 -7.74
N THR A 207 -11.97 -12.61 -8.10
CA THR A 207 -12.75 -13.83 -8.09
C THR A 207 -13.00 -14.10 -6.60
N ARG A 208 -14.14 -14.71 -6.25
CA ARG A 208 -14.46 -14.99 -4.84
C ARG A 208 -13.51 -16.00 -4.20
N PHE A 209 -13.52 -17.21 -4.74
CA PHE A 209 -12.68 -18.27 -4.23
C PHE A 209 -11.58 -18.61 -5.24
N GLY A 210 -10.48 -17.87 -5.14
CA GLY A 210 -9.32 -18.05 -6.00
C GLY A 210 -8.19 -17.16 -5.52
N SER A 211 -6.96 -17.66 -5.54
CA SER A 211 -5.82 -16.86 -5.08
C SER A 211 -5.29 -15.91 -6.13
N ASN A 212 -5.20 -16.41 -7.36
CA ASN A 212 -4.70 -15.61 -8.48
C ASN A 212 -5.71 -14.56 -8.88
N GLY A 213 -5.22 -13.35 -9.10
CA GLY A 213 -6.08 -12.25 -9.48
C GLY A 213 -6.83 -12.41 -10.79
N VAL A 214 -7.77 -11.50 -11.04
CA VAL A 214 -8.59 -11.51 -12.26
C VAL A 214 -8.24 -10.35 -13.18
N GLU A 215 -8.57 -10.47 -14.47
CA GLU A 215 -8.25 -9.40 -15.41
C GLU A 215 -9.05 -8.12 -15.07
N THR A 216 -8.81 -7.04 -15.80
CA THR A 216 -9.51 -5.79 -15.51
C THR A 216 -10.83 -5.62 -16.24
N SER A 217 -11.02 -6.34 -17.33
CA SER A 217 -12.25 -6.23 -18.10
C SER A 217 -13.20 -7.44 -18.04
N SER A 218 -13.00 -8.31 -17.05
CA SER A 218 -13.83 -9.50 -16.88
C SER A 218 -15.28 -9.14 -16.47
N PHE A 219 -16.26 -9.66 -17.20
CA PHE A 219 -17.66 -9.36 -16.90
C PHE A 219 -18.57 -10.59 -16.84
N GLY A 220 -19.55 -10.54 -15.93
CA GLY A 220 -20.50 -11.61 -15.73
C GLY A 220 -20.25 -12.98 -16.35
N GLU A 221 -19.44 -13.80 -15.70
CA GLU A 221 -19.16 -15.17 -16.20
C GLU A 221 -20.01 -16.17 -15.40
N PRO A 222 -20.71 -17.10 -16.08
CA PRO A 222 -21.57 -18.13 -15.48
C PRO A 222 -20.85 -19.22 -14.67
N ASN A 223 -19.56 -19.35 -14.92
CA ASN A 223 -18.75 -20.34 -14.21
C ASN A 223 -18.00 -19.69 -13.04
N GLU A 224 -17.24 -18.63 -13.34
CA GLU A 224 -16.47 -17.91 -12.31
C GLU A 224 -17.37 -16.89 -11.58
N ILE A 225 -17.07 -16.63 -10.32
CA ILE A 225 -17.84 -15.67 -9.53
C ILE A 225 -16.94 -14.48 -9.21
N LEU A 226 -17.27 -13.32 -9.78
CA LEU A 226 -16.50 -12.10 -9.57
C LEU A 226 -17.10 -11.13 -8.57
N LYS A 227 -16.25 -10.27 -8.02
CA LYS A 227 -16.66 -9.26 -7.05
C LYS A 227 -15.89 -8.01 -7.47
N HIS A 228 -16.18 -6.88 -6.85
CA HIS A 228 -15.46 -5.66 -7.19
C HIS A 228 -14.95 -4.89 -5.99
N VAL A 229 -13.78 -4.28 -6.18
CA VAL A 229 -13.10 -3.47 -5.18
C VAL A 229 -12.74 -2.08 -5.73
N LEU A 230 -13.36 -1.07 -5.16
CA LEU A 230 -13.08 0.30 -5.53
C LEU A 230 -12.31 0.84 -4.34
N LYS A 231 -11.10 1.32 -4.63
CA LYS A 231 -10.21 1.89 -3.63
C LYS A 231 -9.93 3.34 -4.05
N ILE A 232 -9.85 4.24 -3.08
CA ILE A 232 -9.56 5.64 -3.40
C ILE A 232 -8.75 6.27 -2.28
N SER A 233 -7.72 7.02 -2.66
CA SER A 233 -6.89 7.66 -1.66
C SER A 233 -7.59 8.94 -1.21
N LEU A 234 -7.83 9.04 0.10
CA LEU A 234 -8.52 10.19 0.64
C LEU A 234 -7.57 11.36 0.83
N ASP A 235 -8.11 12.56 0.83
CA ASP A 235 -7.31 13.75 0.95
C ASP A 235 -7.01 14.18 2.37
N ASP A 236 -8.04 14.62 3.08
CA ASP A 236 -7.88 15.12 4.43
C ASP A 236 -7.53 14.11 5.53
N THR A 237 -7.40 12.84 5.16
CA THR A 237 -7.04 11.81 6.13
C THR A 237 -5.69 11.20 5.77
N LYS A 238 -5.31 11.28 4.50
CA LYS A 238 -4.02 10.72 4.11
C LYS A 238 -3.95 9.21 4.36
N HIS A 239 -5.01 8.50 4.02
CA HIS A 239 -5.06 7.05 4.16
C HIS A 239 -5.65 6.48 2.86
N ASP A 240 -5.77 5.16 2.79
CA ASP A 240 -6.32 4.47 1.63
C ASP A 240 -7.46 3.54 2.07
N TYR A 241 -8.64 3.73 1.48
CA TYR A 241 -9.83 2.93 1.81
C TYR A 241 -10.37 2.19 0.59
N TYR A 242 -10.76 0.94 0.76
CA TYR A 242 -11.33 0.22 -0.37
C TYR A 242 -12.66 -0.28 0.09
N THR A 243 -13.34 -1.00 -0.77
CA THR A 243 -14.63 -1.52 -0.45
C THR A 243 -14.92 -2.52 -1.52
N ILE A 244 -15.63 -3.56 -1.12
CA ILE A 244 -15.99 -4.66 -2.00
C ILE A 244 -17.51 -4.64 -2.27
N GLY A 245 -17.91 -5.07 -3.46
CA GLY A 245 -19.32 -5.09 -3.80
C GLY A 245 -19.66 -5.71 -5.14
N THR A 246 -20.57 -5.10 -5.88
CA THR A 246 -20.96 -5.61 -7.18
C THR A 246 -20.90 -4.45 -8.17
N TYR A 247 -21.16 -4.70 -9.44
CA TYR A 247 -21.11 -3.63 -10.42
C TYR A 247 -22.23 -3.72 -11.43
N ASP A 248 -23.36 -3.09 -11.12
CA ASP A 248 -24.47 -3.15 -12.07
C ASP A 248 -24.02 -2.42 -13.31
N ARG A 249 -23.78 -3.20 -14.36
CA ARG A 249 -23.33 -2.66 -15.63
C ARG A 249 -24.38 -1.70 -16.21
N VAL A 250 -25.63 -1.85 -15.78
CA VAL A 250 -26.71 -1.01 -16.24
C VAL A 250 -26.48 0.45 -15.87
N LYS A 251 -26.62 0.77 -14.58
CA LYS A 251 -26.41 2.14 -14.11
C LYS A 251 -24.93 2.50 -13.94
N ASP A 252 -24.06 1.60 -14.39
CA ASP A 252 -22.62 1.81 -14.32
C ASP A 252 -22.22 2.29 -12.93
N LYS A 253 -22.91 1.79 -11.92
CA LYS A 253 -22.63 2.19 -10.55
C LYS A 253 -21.99 1.08 -9.76
N PHE A 254 -21.27 1.47 -8.72
CA PHE A 254 -20.65 0.49 -7.87
C PHE A 254 -21.52 0.33 -6.63
N VAL A 255 -21.86 -0.91 -6.31
CA VAL A 255 -22.68 -1.20 -5.14
C VAL A 255 -21.88 -2.00 -4.10
N PRO A 256 -21.41 -1.34 -3.03
CA PRO A 256 -20.65 -2.05 -2.00
C PRO A 256 -21.48 -3.10 -1.27
N ASP A 257 -20.79 -4.05 -0.63
CA ASP A 257 -21.48 -5.11 0.09
C ASP A 257 -22.21 -4.62 1.33
N ASN A 258 -23.28 -5.36 1.64
CA ASN A 258 -24.14 -5.13 2.78
C ASN A 258 -23.75 -4.04 3.78
N GLY A 259 -24.21 -2.82 3.51
CA GLY A 259 -23.95 -1.69 4.37
C GLY A 259 -22.48 -1.34 4.60
N PHE A 260 -21.83 -0.80 3.57
CA PHE A 260 -20.44 -0.40 3.68
C PHE A 260 -20.09 0.77 2.76
N LYS A 261 -19.93 1.97 3.36
CA LYS A 261 -19.57 3.18 2.63
C LYS A 261 -18.07 3.22 2.41
N MET A 262 -17.58 4.23 1.69
CA MET A 262 -16.15 4.34 1.45
C MET A 262 -15.38 5.07 2.55
N ASP A 263 -16.10 5.55 3.56
CA ASP A 263 -15.52 6.26 4.70
C ASP A 263 -16.45 6.20 5.91
N GLY A 264 -15.94 5.64 7.01
CA GLY A 264 -16.73 5.52 8.22
C GLY A 264 -16.52 4.14 8.80
N THR A 265 -16.44 3.17 7.92
CA THR A 265 -16.21 1.78 8.32
C THR A 265 -15.42 1.07 7.21
N ALA A 266 -14.84 1.87 6.31
CA ALA A 266 -14.05 1.34 5.20
C ALA A 266 -12.67 0.85 5.64
N PRO A 267 -12.30 -0.36 5.24
CA PRO A 267 -11.02 -0.97 5.60
C PRO A 267 -9.89 -0.32 4.81
N ARG A 268 -8.71 -0.30 5.42
CA ARG A 268 -7.52 0.29 4.79
C ARG A 268 -6.62 -0.80 4.20
N TYR A 269 -5.89 -0.48 3.15
CA TYR A 269 -4.98 -1.49 2.64
C TYR A 269 -3.96 -1.66 3.76
N ASP A 270 -3.50 -0.52 4.27
CA ASP A 270 -2.50 -0.47 5.31
C ASP A 270 -2.91 0.50 6.43
N TYR A 271 -2.88 0.03 7.67
CA TYR A 271 -3.27 0.84 8.81
C TYR A 271 -2.11 1.60 9.43
N GLY A 272 -1.27 2.18 8.57
CA GLY A 272 -0.09 2.92 9.00
C GLY A 272 0.29 3.93 7.93
N LYS A 273 1.57 4.08 7.63
CA LYS A 273 1.96 5.06 6.64
C LYS A 273 1.84 4.54 5.21
N TYR A 274 0.66 4.68 4.64
CA TYR A 274 0.43 4.20 3.28
C TYR A 274 -0.28 5.25 2.45
N TYR A 275 0.00 5.33 1.15
CA TYR A 275 -0.71 6.29 0.32
C TYR A 275 -0.49 6.18 -1.18
N ALA A 276 -1.42 6.76 -1.94
CA ALA A 276 -1.35 6.77 -3.39
C ALA A 276 -1.32 5.36 -3.98
N SER A 277 -1.72 4.36 -3.18
CA SER A 277 -1.70 2.96 -3.62
C SER A 277 -2.42 2.70 -4.95
N LYS A 278 -1.93 1.71 -5.69
CA LYS A 278 -2.51 1.32 -6.98
C LYS A 278 -2.12 -0.09 -7.38
N THR A 279 -3.01 -0.76 -8.10
CA THR A 279 -2.78 -2.12 -8.52
C THR A 279 -2.54 -2.26 -10.02
N PHE A 280 -2.32 -3.49 -10.45
CA PHE A 280 -2.09 -3.78 -11.86
C PHE A 280 -2.08 -5.28 -12.04
N PHE A 281 -2.61 -5.74 -13.17
CA PHE A 281 -2.68 -7.17 -13.45
C PHE A 281 -1.42 -7.75 -14.09
N ASP A 282 -0.84 -8.76 -13.42
CA ASP A 282 0.36 -9.45 -13.92
C ASP A 282 -0.11 -10.54 -14.86
N SER A 283 0.19 -10.40 -16.14
CA SER A 283 -0.22 -11.39 -17.13
C SER A 283 0.52 -12.72 -16.91
N ALA A 284 1.83 -12.62 -16.73
CA ALA A 284 2.72 -13.76 -16.52
C ALA A 284 2.44 -14.71 -15.35
N LYS A 285 2.16 -14.18 -14.17
CA LYS A 285 1.93 -15.06 -13.04
C LYS A 285 0.46 -15.21 -12.71
N ASN A 286 -0.37 -14.44 -13.41
CA ASN A 286 -1.81 -14.46 -13.20
C ASN A 286 -2.15 -13.89 -11.82
N ARG A 287 -1.37 -12.91 -11.37
CA ARG A 287 -1.62 -12.31 -10.08
C ARG A 287 -1.79 -10.81 -10.15
N ARG A 288 -2.29 -10.23 -9.05
CA ARG A 288 -2.49 -8.79 -8.98
C ARG A 288 -1.51 -8.20 -7.98
N ILE A 289 -0.61 -7.35 -8.50
CA ILE A 289 0.40 -6.70 -7.68
C ILE A 289 -0.11 -5.36 -7.14
N LEU A 290 0.20 -5.09 -5.88
CA LEU A 290 -0.26 -3.85 -5.27
C LEU A 290 0.86 -2.92 -4.79
N TRP A 291 0.97 -1.78 -5.46
CA TRP A 291 1.98 -0.77 -5.14
C TRP A 291 1.48 0.34 -4.21
N GLY A 292 2.32 0.71 -3.25
CA GLY A 292 1.98 1.76 -2.30
C GLY A 292 3.18 2.65 -2.04
N TRP A 293 2.95 3.96 -1.97
CA TRP A 293 4.02 4.93 -1.76
C TRP A 293 4.60 5.07 -0.35
N THR A 294 3.84 5.46 0.66
CA THR A 294 4.42 5.59 2.01
C THR A 294 5.32 6.81 2.21
N ASN A 295 4.73 7.81 2.85
CA ASN A 295 5.35 9.08 3.19
C ASN A 295 6.73 8.87 3.79
N GLU A 296 7.26 9.98 4.25
CA GLU A 296 8.55 10.03 4.90
C GLU A 296 8.26 10.56 6.31
N SER A 297 8.41 9.72 7.34
CA SER A 297 8.13 10.12 8.72
C SER A 297 9.16 11.08 9.35
N SER A 298 10.16 11.48 8.57
CA SER A 298 11.19 12.38 9.08
C SER A 298 10.83 13.81 8.69
N SER A 299 11.25 14.76 9.51
CA SER A 299 10.96 16.15 9.24
C SER A 299 11.57 16.54 7.89
N VAL A 300 10.94 17.49 7.22
CA VAL A 300 11.40 17.95 5.92
C VAL A 300 12.83 18.45 6.02
N GLU A 301 13.17 19.09 7.13
CA GLU A 301 14.52 19.59 7.30
C GLU A 301 15.50 18.43 7.05
N ASP A 302 15.01 17.20 7.23
CA ASP A 302 15.84 16.02 7.00
C ASP A 302 15.87 15.65 5.51
N ASP A 303 14.72 15.67 4.86
CA ASP A 303 14.64 15.34 3.45
C ASP A 303 15.59 16.27 2.70
N VAL A 304 15.72 17.49 3.22
CA VAL A 304 16.59 18.47 2.58
C VAL A 304 18.04 18.15 2.90
N GLU A 305 18.28 17.58 4.08
CA GLU A 305 19.64 17.25 4.46
C GLU A 305 20.09 15.91 3.90
N LYS A 306 19.23 14.91 3.96
CA LYS A 306 19.59 13.59 3.44
C LYS A 306 19.52 13.52 1.90
N GLY A 307 18.95 14.56 1.29
CA GLY A 307 18.86 14.61 -0.15
C GLY A 307 17.75 13.77 -0.76
N TRP A 308 16.99 13.05 0.06
CA TRP A 308 15.93 12.22 -0.50
C TRP A 308 14.64 12.13 0.35
N SER A 309 13.54 11.80 -0.31
CA SER A 309 12.26 11.66 0.35
C SER A 309 11.34 10.77 -0.47
N GLY A 310 10.89 9.68 0.14
CA GLY A 310 9.98 8.77 -0.55
C GLY A 310 10.54 7.43 -0.96
N ILE A 311 9.91 6.38 -0.45
CA ILE A 311 10.31 5.02 -0.79
C ILE A 311 9.05 4.35 -1.35
N GLN A 312 9.22 3.19 -1.97
CA GLN A 312 8.09 2.47 -2.52
C GLN A 312 8.01 1.16 -1.76
N THR A 313 6.85 0.88 -1.18
CA THR A 313 6.68 -0.36 -0.44
C THR A 313 6.76 -1.56 -1.39
N ILE A 314 7.20 -2.69 -0.86
CA ILE A 314 7.31 -3.90 -1.65
C ILE A 314 5.99 -4.22 -2.30
N PRO A 315 6.01 -4.52 -3.62
CA PRO A 315 4.79 -4.86 -4.33
C PRO A 315 4.06 -5.95 -3.57
N ARG A 316 2.79 -5.74 -3.25
CA ARG A 316 2.04 -6.75 -2.53
C ARG A 316 1.13 -7.49 -3.49
N LYS A 317 0.69 -8.67 -3.06
CA LYS A 317 -0.25 -9.45 -3.84
C LYS A 317 -1.53 -9.42 -3.03
N ILE A 318 -2.62 -8.94 -3.62
CA ILE A 318 -3.90 -8.88 -2.91
C ILE A 318 -4.95 -9.81 -3.50
N TRP A 319 -6.04 -10.01 -2.76
CA TRP A 319 -7.13 -10.86 -3.21
C TRP A 319 -8.11 -11.09 -2.08
N LEU A 320 -9.36 -11.31 -2.45
CA LEU A 320 -10.42 -11.51 -1.51
C LEU A 320 -10.25 -12.68 -0.53
N ASP A 321 -10.56 -12.45 0.74
CA ASP A 321 -10.47 -13.52 1.73
C ASP A 321 -11.69 -14.43 1.63
N ARG A 322 -11.57 -15.63 2.18
CA ARG A 322 -12.65 -16.62 2.17
C ARG A 322 -13.97 -16.02 2.68
N SER A 323 -13.92 -15.30 3.80
CA SER A 323 -15.11 -14.67 4.37
C SER A 323 -15.79 -13.73 3.39
N GLY A 324 -15.04 -13.22 2.42
CA GLY A 324 -15.62 -12.34 1.41
C GLY A 324 -15.76 -10.87 1.71
N LYS A 325 -15.33 -10.41 2.88
CA LYS A 325 -15.46 -9.00 3.22
C LYS A 325 -14.15 -8.34 3.65
N GLN A 326 -13.01 -8.77 3.10
CA GLN A 326 -11.70 -8.21 3.44
C GLN A 326 -10.61 -8.71 2.46
N LEU A 327 -9.76 -7.80 1.99
CA LEU A 327 -8.69 -8.16 1.07
C LEU A 327 -7.48 -8.72 1.79
N ILE A 328 -6.88 -9.74 1.20
CA ILE A 328 -5.70 -10.33 1.81
C ILE A 328 -4.49 -9.93 1.02
N GLN A 329 -3.54 -9.35 1.73
CA GLN A 329 -2.32 -8.90 1.10
C GLN A 329 -1.12 -9.64 1.65
N TRP A 330 -0.15 -9.89 0.78
CA TRP A 330 1.11 -10.56 1.13
C TRP A 330 2.20 -10.31 0.10
N PRO A 331 3.33 -9.70 0.52
CA PRO A 331 4.45 -9.39 -0.37
C PRO A 331 4.79 -10.50 -1.36
N VAL A 332 5.25 -10.09 -2.54
CA VAL A 332 5.59 -11.02 -3.62
C VAL A 332 6.65 -12.04 -3.25
N ARG A 333 6.29 -13.31 -3.42
CA ARG A 333 7.18 -14.41 -3.10
C ARG A 333 8.57 -14.22 -3.69
N GLU A 334 8.64 -13.72 -4.92
CA GLU A 334 9.94 -13.53 -5.53
C GLU A 334 10.90 -12.59 -4.78
N VAL A 335 10.45 -12.01 -3.67
CA VAL A 335 11.33 -11.11 -2.91
C VAL A 335 12.20 -11.91 -1.94
N GLU A 336 11.72 -13.10 -1.58
CA GLU A 336 12.42 -13.96 -0.64
C GLU A 336 13.71 -14.52 -1.24
N ARG A 337 14.14 -13.95 -2.35
CA ARG A 337 15.37 -14.37 -3.01
C ARG A 337 16.54 -13.61 -2.40
N LEU A 338 16.23 -12.48 -1.77
CA LEU A 338 17.22 -11.63 -1.13
C LEU A 338 17.56 -12.20 0.24
N ARG A 339 17.01 -13.37 0.56
CA ARG A 339 17.25 -14.02 1.85
C ARG A 339 18.61 -14.69 1.92
N THR A 340 19.39 -14.37 2.95
CA THR A 340 20.72 -14.96 3.12
C THR A 340 20.63 -16.47 3.12
N LYS A 341 21.59 -17.09 2.44
CA LYS A 341 21.65 -18.55 2.34
C LYS A 341 21.53 -19.16 3.74
N GLN A 342 21.95 -18.41 4.76
CA GLN A 342 21.86 -18.91 6.11
C GLN A 342 20.41 -19.12 6.55
N VAL A 343 20.15 -18.97 7.85
CA VAL A 343 18.81 -19.17 8.39
C VAL A 343 18.82 -19.17 9.92
N LYS A 344 18.25 -18.13 10.50
CA LYS A 344 18.18 -18.02 11.96
C LYS A 344 16.88 -18.67 12.38
N ASN A 345 16.97 -19.66 13.25
CA ASN A 345 15.78 -20.35 13.72
C ASN A 345 15.67 -20.37 15.23
N LEU A 346 14.45 -20.58 15.70
CA LEU A 346 14.14 -20.63 17.11
C LEU A 346 12.78 -21.30 17.22
N ARG A 347 12.76 -22.48 17.83
CA ARG A 347 11.50 -23.17 17.97
C ARG A 347 11.22 -23.60 19.39
N ASN A 348 9.94 -23.69 19.73
CA ASN A 348 9.53 -24.09 21.05
C ASN A 348 10.28 -23.38 22.19
N LYS A 349 10.11 -22.07 22.27
CA LYS A 349 10.75 -21.26 23.34
C LYS A 349 9.69 -20.50 24.11
N VAL A 350 9.74 -20.63 25.43
CA VAL A 350 8.77 -20.00 26.30
C VAL A 350 9.08 -18.52 26.50
N LEU A 351 8.01 -17.74 26.65
CA LEU A 351 8.10 -16.30 26.86
C LEU A 351 7.43 -15.97 28.18
N LYS A 352 8.16 -16.15 29.26
CA LYS A 352 7.66 -15.88 30.60
C LYS A 352 7.13 -14.47 30.73
N SER A 353 6.23 -14.24 31.68
CA SER A 353 5.67 -12.91 31.87
C SER A 353 6.74 -11.82 31.80
N GLY A 354 6.65 -10.98 30.77
CA GLY A 354 7.58 -9.87 30.60
C GLY A 354 8.98 -10.26 30.16
N SER A 355 9.09 -11.33 29.38
CA SER A 355 10.39 -11.80 28.93
C SER A 355 10.66 -11.45 27.48
N ARG A 356 11.90 -11.66 27.03
CA ARG A 356 12.30 -11.38 25.65
C ARG A 356 13.58 -12.12 25.32
N LEU A 357 13.58 -12.84 24.20
CA LEU A 357 14.77 -13.56 23.81
C LEU A 357 15.28 -12.92 22.53
N GLU A 358 16.57 -12.62 22.52
CA GLU A 358 17.13 -11.98 21.35
C GLU A 358 17.38 -12.95 20.19
N VAL A 359 17.32 -12.39 18.98
CA VAL A 359 17.56 -13.15 17.75
C VAL A 359 18.93 -12.65 17.32
N TYR A 360 19.96 -13.47 17.49
CA TYR A 360 21.35 -13.12 17.18
C TYR A 360 21.88 -12.97 15.73
N GLY A 361 22.46 -14.05 15.20
CA GLY A 361 23.05 -14.04 13.86
C GLY A 361 22.22 -13.61 12.66
N VAL A 362 21.92 -12.33 12.56
CA VAL A 362 21.12 -11.80 11.46
C VAL A 362 21.27 -10.29 11.33
N THR A 363 21.24 -9.81 10.09
CA THR A 363 21.34 -8.38 9.87
C THR A 363 20.04 -7.78 10.41
N ALA A 364 20.01 -7.56 11.73
CA ALA A 364 18.85 -7.02 12.40
C ALA A 364 18.20 -5.80 11.70
N ALA A 365 19.01 -5.07 10.92
CA ALA A 365 18.54 -3.88 10.20
C ALA A 365 18.16 -4.10 8.73
N GLN A 366 18.16 -5.35 8.27
CA GLN A 366 17.83 -5.62 6.87
C GLN A 366 17.45 -7.09 6.68
N ALA A 367 16.41 -7.52 7.40
CA ALA A 367 15.98 -8.91 7.36
C ALA A 367 14.49 -9.16 7.24
N ASP A 368 14.14 -10.44 7.12
CA ASP A 368 12.76 -10.87 7.02
C ASP A 368 12.43 -11.62 8.31
N VAL A 369 11.54 -11.06 9.11
CA VAL A 369 11.17 -11.72 10.37
C VAL A 369 9.87 -12.48 10.16
N GLU A 370 9.64 -13.49 10.98
CA GLU A 370 8.43 -14.28 10.85
C GLU A 370 8.25 -15.16 12.09
N VAL A 371 7.16 -14.95 12.82
CA VAL A 371 6.89 -15.70 14.05
C VAL A 371 5.52 -16.37 14.01
N LEU A 372 5.35 -17.38 14.84
CA LEU A 372 4.08 -18.09 14.94
C LEU A 372 3.83 -18.27 16.44
N PHE A 373 3.08 -17.34 17.02
CA PHE A 373 2.80 -17.37 18.45
C PHE A 373 1.66 -18.34 18.77
N LYS A 374 1.79 -19.01 19.91
CA LYS A 374 0.80 -19.97 20.39
C LYS A 374 0.30 -19.49 21.74
N VAL A 375 -1.02 -19.36 21.85
CA VAL A 375 -1.63 -18.90 23.09
C VAL A 375 -2.44 -20.01 23.75
N ARG A 376 -2.05 -20.40 24.96
CA ARG A 376 -2.79 -21.43 25.67
C ARG A 376 -3.80 -20.76 26.59
N ASP A 377 -4.92 -21.44 26.82
CA ASP A 377 -5.98 -20.90 27.65
C ASP A 377 -6.30 -19.49 27.21
N LEU A 378 -7.20 -19.38 26.25
CA LEU A 378 -7.63 -18.09 25.72
C LEU A 378 -8.52 -17.40 26.72
N GLU A 379 -9.05 -18.18 27.66
CA GLU A 379 -9.94 -17.66 28.70
C GLU A 379 -9.24 -16.59 29.52
N LYS A 380 -7.93 -16.72 29.68
CA LYS A 380 -7.22 -15.73 30.44
C LYS A 380 -7.28 -14.38 29.78
N ALA A 381 -7.78 -14.34 28.54
CA ALA A 381 -7.88 -13.06 27.83
C ALA A 381 -8.89 -12.11 28.48
N ASP A 382 -8.56 -10.83 28.47
CA ASP A 382 -9.43 -9.82 29.05
C ASP A 382 -10.61 -9.55 28.13
N VAL A 383 -11.65 -8.92 28.68
CA VAL A 383 -12.83 -8.55 27.91
C VAL A 383 -12.77 -7.06 27.60
N ILE A 384 -12.75 -6.73 26.30
CA ILE A 384 -12.66 -5.34 25.84
C ILE A 384 -13.70 -4.41 26.44
N GLU A 385 -13.30 -3.19 26.74
CA GLU A 385 -14.22 -2.22 27.30
C GLU A 385 -14.97 -1.65 26.06
N PRO A 386 -16.24 -1.26 26.22
CA PRO A 386 -17.07 -0.71 25.14
C PRO A 386 -16.37 0.26 24.19
N SER A 387 -16.00 1.43 24.70
CA SER A 387 -15.36 2.49 23.90
C SER A 387 -14.31 2.04 22.87
N TRP A 388 -13.43 1.14 23.29
CA TRP A 388 -12.35 0.63 22.44
C TRP A 388 -12.82 0.04 21.11
N THR A 389 -13.02 0.91 20.12
CA THR A 389 -13.49 0.49 18.80
C THR A 389 -12.48 0.78 17.69
N ASP A 390 -11.71 1.86 17.84
CA ASP A 390 -10.71 2.23 16.85
C ASP A 390 -9.39 1.57 17.24
N PRO A 391 -8.87 0.67 16.39
CA PRO A 391 -7.62 -0.06 16.61
C PRO A 391 -6.50 0.90 17.01
N GLN A 392 -6.17 1.80 16.10
CA GLN A 392 -5.15 2.82 16.28
C GLN A 392 -5.25 3.46 17.68
N LEU A 393 -6.45 3.91 18.04
CA LEU A 393 -6.73 4.56 19.32
C LEU A 393 -6.39 3.72 20.54
N ILE A 394 -6.64 2.42 20.45
CA ILE A 394 -6.35 1.58 21.58
C ILE A 394 -4.85 1.40 21.76
N CYS A 395 -4.14 1.25 20.64
CA CYS A 395 -2.71 1.06 20.66
C CYS A 395 -2.00 2.30 21.15
N SER A 396 -2.64 3.44 20.96
CA SER A 396 -2.08 4.70 21.39
C SER A 396 -2.38 5.03 22.87
N LYS A 397 -3.52 4.55 23.36
CA LYS A 397 -3.97 4.77 24.74
C LYS A 397 -3.32 3.75 25.68
N MET A 398 -2.85 2.65 25.11
CA MET A 398 -2.17 1.61 25.89
C MET A 398 -0.83 1.32 25.24
N ASN A 399 0.21 2.00 25.71
CA ASN A 399 1.53 1.79 25.16
C ASN A 399 1.99 0.36 25.43
N VAL A 400 3.26 0.10 25.15
CA VAL A 400 3.88 -1.21 25.32
C VAL A 400 3.97 -1.71 26.77
N SER A 401 4.39 -0.84 27.69
CA SER A 401 4.55 -1.18 29.10
C SER A 401 3.26 -1.39 29.88
N VAL A 402 2.11 -1.32 29.21
CA VAL A 402 0.83 -1.55 29.89
C VAL A 402 0.41 -2.99 29.65
N LYS A 403 0.43 -3.77 30.73
CA LYS A 403 0.08 -5.19 30.70
C LYS A 403 -1.36 -5.55 30.36
N SER A 404 -1.54 -6.78 29.90
CA SER A 404 -2.84 -7.34 29.54
C SER A 404 -2.78 -8.84 29.84
N GLY A 405 -3.94 -9.48 29.91
CA GLY A 405 -3.98 -10.91 30.15
C GLY A 405 -3.21 -11.57 29.02
N LEU A 406 -3.68 -11.39 27.79
CA LEU A 406 -3.02 -11.96 26.65
C LEU A 406 -2.42 -10.81 25.83
N GLY A 407 -1.25 -10.36 26.25
CA GLY A 407 -0.59 -9.27 25.55
C GLY A 407 0.00 -8.31 26.56
N PRO A 408 0.88 -7.40 26.12
CA PRO A 408 1.32 -7.28 24.71
C PRO A 408 2.52 -8.18 24.34
N PHE A 409 2.47 -8.78 23.15
CA PHE A 409 3.53 -9.65 22.69
C PHE A 409 3.72 -9.71 21.17
N GLY A 410 4.91 -9.34 20.71
CA GLY A 410 5.20 -9.34 19.29
C GLY A 410 6.69 -9.22 19.03
N LEU A 411 7.08 -8.28 18.19
CA LEU A 411 8.48 -8.10 17.86
C LEU A 411 9.05 -6.73 18.17
N MET A 412 10.37 -6.68 18.36
CA MET A 412 11.08 -5.44 18.57
C MET A 412 12.20 -5.46 17.51
N VAL A 413 12.06 -4.57 16.54
CA VAL A 413 13.03 -4.47 15.44
C VAL A 413 13.87 -3.24 15.59
N LEU A 414 14.98 -3.20 14.85
CA LEU A 414 15.92 -2.09 14.90
C LEU A 414 16.06 -1.64 16.34
N ALA A 415 15.97 -2.59 17.26
CA ALA A 415 16.09 -2.27 18.67
C ALA A 415 17.53 -1.84 18.94
N SER A 416 17.70 -0.92 19.88
CA SER A 416 19.00 -0.38 20.25
C SER A 416 19.77 -1.37 21.12
N LYS A 417 20.99 -1.01 21.51
CA LYS A 417 21.80 -1.90 22.35
C LYS A 417 20.97 -2.41 23.53
N ASN A 418 20.69 -1.50 24.46
CA ASN A 418 19.92 -1.78 25.67
C ASN A 418 18.50 -1.17 25.67
N LEU A 419 17.83 -1.21 24.53
CA LEU A 419 16.47 -0.70 24.35
C LEU A 419 16.18 0.79 24.60
N GLU A 420 17.17 1.65 24.41
CA GLU A 420 16.91 3.08 24.61
C GLU A 420 16.00 3.52 23.47
N GLU A 421 16.06 2.81 22.35
CA GLU A 421 15.20 3.11 21.21
C GLU A 421 14.93 1.80 20.47
N TYR A 422 13.65 1.46 20.36
CA TYR A 422 13.20 0.23 19.70
C TYR A 422 11.80 0.42 19.12
N THR A 423 11.43 -0.47 18.21
CA THR A 423 10.11 -0.45 17.60
C THR A 423 9.43 -1.72 18.03
N SER A 424 8.14 -1.66 18.33
CA SER A 424 7.48 -2.84 18.83
C SER A 424 6.10 -3.18 18.27
N VAL A 425 6.09 -4.05 17.28
CA VAL A 425 4.83 -4.50 16.69
C VAL A 425 4.46 -5.73 17.50
N TYR A 426 3.22 -5.80 17.96
CA TYR A 426 2.80 -6.94 18.76
C TYR A 426 1.31 -7.19 18.67
N PHE A 427 0.87 -8.14 19.48
CA PHE A 427 -0.54 -8.54 19.57
C PHE A 427 -1.08 -8.41 20.98
N ARG A 428 -2.41 -8.32 21.07
CA ARG A 428 -3.16 -8.25 22.33
C ARG A 428 -4.50 -8.94 22.07
N ILE A 429 -4.81 -9.98 22.85
CA ILE A 429 -6.06 -10.72 22.68
C ILE A 429 -7.06 -10.42 23.79
N PHE A 430 -8.29 -10.15 23.38
CA PHE A 430 -9.35 -9.88 24.32
C PHE A 430 -10.57 -10.64 23.84
N LYS A 431 -11.61 -10.69 24.67
CA LYS A 431 -12.84 -11.38 24.34
C LYS A 431 -13.84 -10.37 23.80
N ALA A 432 -14.47 -10.68 22.67
CA ALA A 432 -15.44 -9.78 22.08
C ALA A 432 -16.55 -9.53 23.08
N ARG A 433 -17.02 -10.61 23.72
CA ARG A 433 -18.08 -10.55 24.73
C ARG A 433 -17.58 -11.26 25.99
N GLN A 434 -18.21 -12.37 26.36
CA GLN A 434 -17.79 -13.14 27.54
C GLN A 434 -18.08 -14.63 27.40
N ASN A 435 -19.22 -14.96 26.83
CA ASN A 435 -19.56 -16.36 26.67
C ASN A 435 -19.80 -16.70 25.20
N SER A 436 -20.00 -15.67 24.37
CA SER A 436 -20.19 -15.88 22.92
C SER A 436 -18.82 -16.09 22.26
N ASN A 437 -18.13 -17.15 22.70
CA ASN A 437 -16.81 -17.55 22.22
C ASN A 437 -16.36 -16.80 20.98
N LYS A 438 -15.99 -15.54 21.17
CA LYS A 438 -15.51 -14.71 20.08
C LYS A 438 -14.49 -13.76 20.64
N TYR A 439 -13.31 -13.79 20.05
CA TYR A 439 -12.20 -12.97 20.51
C TYR A 439 -11.80 -11.89 19.51
N VAL A 440 -11.09 -10.88 19.99
CA VAL A 440 -10.62 -9.80 19.13
C VAL A 440 -9.09 -9.78 19.19
N VAL A 441 -8.48 -9.81 18.02
CA VAL A 441 -7.04 -9.78 17.93
C VAL A 441 -6.55 -8.40 17.54
N LEU A 442 -5.83 -7.79 18.45
CA LEU A 442 -5.28 -6.47 18.26
C LEU A 442 -3.84 -6.48 17.78
N MET A 443 -3.58 -5.86 16.64
CA MET A 443 -2.22 -5.77 16.15
C MET A 443 -1.80 -4.30 16.33
N CYS A 444 -0.77 -4.07 17.13
CA CYS A 444 -0.26 -2.71 17.37
C CYS A 444 1.16 -2.58 16.85
N SER A 445 1.50 -1.37 16.40
CA SER A 445 2.84 -1.06 15.89
C SER A 445 3.27 0.23 16.56
N ASP A 446 3.85 0.10 17.76
CA ASP A 446 4.28 1.25 18.54
C ASP A 446 5.50 1.96 17.94
N GLN A 447 5.44 3.28 17.90
CA GLN A 447 6.52 4.09 17.34
C GLN A 447 7.07 5.13 18.32
N SER A 448 6.42 5.24 19.48
CA SER A 448 6.78 6.16 20.56
C SER A 448 8.27 6.24 20.91
N ARG A 449 8.96 5.10 20.88
CA ARG A 449 10.39 5.08 21.18
C ARG A 449 11.21 4.57 19.98
N SER A 450 10.64 4.61 18.78
CA SER A 450 11.34 4.15 17.59
C SER A 450 12.70 4.78 17.36
N SER A 451 12.91 5.98 17.90
CA SER A 451 14.18 6.66 17.73
C SER A 451 14.42 7.60 18.88
N LEU A 452 15.62 8.16 18.93
CA LEU A 452 16.00 9.07 20.00
C LEU A 452 15.78 10.54 19.63
N LYS A 453 15.77 10.82 18.33
CA LYS A 453 15.55 12.18 17.85
C LYS A 453 14.05 12.51 17.94
N GLU A 454 13.69 13.36 18.90
CA GLU A 454 12.29 13.74 19.13
C GLU A 454 11.59 14.20 17.85
N ASP A 455 12.36 14.71 16.89
CA ASP A 455 11.79 15.17 15.64
C ASP A 455 11.57 14.06 14.62
N ASN A 456 10.47 13.32 14.79
CA ASN A 456 10.11 12.23 13.88
C ASN A 456 8.62 11.91 14.05
N ASP A 457 8.04 11.29 13.04
CA ASP A 457 6.63 10.91 13.07
C ASP A 457 6.47 9.69 13.99
N LYS A 458 6.43 9.93 15.30
CA LYS A 458 6.30 8.86 16.30
C LYS A 458 4.88 8.29 16.50
N THR A 459 3.92 8.74 15.70
CA THR A 459 2.55 8.27 15.85
C THR A 459 2.44 6.77 15.65
N THR A 460 1.83 6.12 16.64
CA THR A 460 1.62 4.69 16.64
C THR A 460 0.36 4.35 15.84
N TYR A 461 0.43 3.25 15.10
CA TYR A 461 -0.68 2.78 14.27
C TYR A 461 -1.31 1.53 14.87
N GLY A 462 -2.63 1.39 14.68
CA GLY A 462 -3.32 0.22 15.22
C GLY A 462 -4.19 -0.51 14.20
N ALA A 463 -4.47 -1.79 14.49
CA ALA A 463 -5.31 -2.65 13.63
C ALA A 463 -5.85 -3.94 14.31
N PHE A 464 -6.95 -4.44 13.76
CA PHE A 464 -7.59 -5.66 14.23
C PHE A 464 -7.27 -6.77 13.23
N VAL A 465 -7.17 -8.01 13.71
CA VAL A 465 -6.85 -9.12 12.81
C VAL A 465 -7.92 -10.21 12.89
N ASP A 466 -8.59 -10.47 11.78
CA ASP A 466 -9.62 -11.48 11.73
C ASP A 466 -9.04 -12.87 11.59
N ILE A 467 -8.51 -13.34 12.70
CA ILE A 467 -7.92 -14.67 12.77
C ILE A 467 -8.53 -15.28 13.99
N ASN A 468 -8.36 -16.58 14.12
CA ASN A 468 -8.91 -17.26 15.28
C ASN A 468 -7.77 -17.55 16.23
N PRO A 469 -7.73 -16.84 17.38
CA PRO A 469 -6.69 -17.03 18.39
C PRO A 469 -6.60 -18.45 18.95
N HIS A 470 -7.47 -19.34 18.46
CA HIS A 470 -7.46 -20.74 18.88
C HIS A 470 -6.22 -21.40 18.29
N GLN A 471 -5.90 -21.05 17.04
CA GLN A 471 -4.72 -21.59 16.41
C GLN A 471 -3.63 -20.58 16.68
N PRO A 472 -2.40 -20.84 16.20
CA PRO A 472 -1.31 -19.89 16.43
C PRO A 472 -1.42 -18.57 15.62
N LEU A 473 -0.89 -17.49 16.17
CA LEU A 473 -0.94 -16.21 15.49
C LEU A 473 0.35 -15.91 14.75
N SER A 474 0.21 -15.61 13.47
CA SER A 474 1.33 -15.28 12.60
C SER A 474 1.61 -13.78 12.68
N LEU A 475 2.81 -13.40 12.23
CA LEU A 475 3.25 -12.02 12.20
C LEU A 475 4.59 -11.98 11.48
N ARG A 476 4.62 -11.30 10.34
CA ARG A 476 5.85 -11.23 9.58
C ARG A 476 6.36 -9.81 9.68
N ALA A 477 7.65 -9.63 9.46
CA ALA A 477 8.22 -8.31 9.54
C ALA A 477 9.35 -8.11 8.53
N LEU A 478 9.11 -7.28 7.53
CA LEU A 478 10.15 -6.98 6.57
C LEU A 478 10.97 -5.95 7.31
N ILE A 479 12.29 -6.10 7.32
CA ILE A 479 13.14 -5.15 8.01
C ILE A 479 14.13 -4.45 7.08
N ASP A 480 14.01 -3.14 6.93
CA ASP A 480 14.94 -2.45 6.05
C ASP A 480 15.36 -1.04 6.49
N HIS A 481 15.93 -0.93 7.68
CA HIS A 481 16.41 0.33 8.21
C HIS A 481 15.23 1.28 8.48
N SER A 482 15.20 2.39 7.74
CA SER A 482 14.15 3.40 7.87
C SER A 482 12.72 2.87 7.70
N VAL A 483 12.54 1.85 6.87
CA VAL A 483 11.19 1.31 6.66
C VAL A 483 10.97 -0.10 7.20
N VAL A 484 9.82 -0.27 7.84
CA VAL A 484 9.45 -1.55 8.41
C VAL A 484 7.99 -1.84 8.11
N GLU A 485 7.76 -2.98 7.48
CA GLU A 485 6.40 -3.37 7.13
C GLU A 485 5.93 -4.53 7.99
N SER A 486 4.79 -4.35 8.64
CA SER A 486 4.23 -5.38 9.51
C SER A 486 3.11 -6.16 8.84
N PHE A 487 3.06 -7.46 9.10
CA PHE A 487 2.03 -8.33 8.54
C PHE A 487 1.51 -9.33 9.58
N GLY A 488 0.19 -9.41 9.72
CA GLY A 488 -0.37 -10.32 10.70
C GLY A 488 -1.40 -11.24 10.08
N GLY A 489 -1.47 -12.46 10.59
CA GLY A 489 -2.42 -13.41 10.05
C GLY A 489 -2.29 -13.60 8.55
N LYS A 490 -1.05 -13.68 8.06
CA LYS A 490 -0.83 -13.87 6.63
C LYS A 490 -1.31 -12.67 5.80
N GLY A 491 -0.90 -11.48 6.22
CA GLY A 491 -1.32 -10.30 5.49
C GLY A 491 -2.64 -9.71 5.94
N ARG A 492 -3.52 -10.51 6.52
CA ARG A 492 -4.80 -9.99 6.98
C ARG A 492 -4.66 -8.64 7.68
N ALA A 493 -3.47 -8.34 8.20
CA ALA A 493 -3.24 -7.06 8.87
C ALA A 493 -1.91 -6.46 8.40
N CYS A 494 -1.99 -5.30 7.74
CA CYS A 494 -0.80 -4.65 7.24
C CYS A 494 -0.56 -3.25 7.79
N ILE A 495 0.32 -3.16 8.80
CA ILE A 495 0.69 -1.90 9.45
C ILE A 495 2.18 -1.57 9.17
N THR A 496 2.40 -0.59 8.30
CA THR A 496 3.75 -0.17 7.91
C THR A 496 4.11 1.17 8.57
N SER A 497 5.40 1.40 8.78
CA SER A 497 5.85 2.63 9.40
C SER A 497 7.25 3.07 8.96
N ARG A 498 7.71 4.20 9.48
CA ARG A 498 9.03 4.74 9.13
C ARG A 498 9.76 5.13 10.41
N VAL A 499 10.94 4.53 10.62
CA VAL A 499 11.76 4.78 11.80
C VAL A 499 13.12 5.38 11.42
N TYR A 500 13.68 6.18 12.32
CA TYR A 500 14.95 6.84 12.09
C TYR A 500 15.74 6.87 13.40
N PRO A 501 16.28 5.70 13.79
CA PRO A 501 17.06 5.54 15.01
C PRO A 501 18.48 6.06 14.89
N LYS A 502 19.02 6.56 15.99
CA LYS A 502 20.38 7.10 16.02
C LYS A 502 21.40 6.05 16.47
N LEU A 503 20.96 5.05 17.22
CA LEU A 503 21.82 3.97 17.70
C LEU A 503 21.57 2.66 16.95
N ALA A 504 20.34 2.47 16.50
CA ALA A 504 19.97 1.25 15.78
C ALA A 504 20.19 1.39 14.27
N ILE A 505 21.46 1.23 13.86
CA ILE A 505 21.82 1.34 12.45
C ILE A 505 23.01 0.46 12.04
N GLY A 506 23.00 0.03 10.78
CA GLY A 506 24.07 -0.80 10.26
C GLY A 506 24.30 -2.09 11.02
N LYS A 507 25.55 -2.32 11.41
CA LYS A 507 25.94 -3.50 12.17
C LYS A 507 25.60 -3.33 13.65
N SER A 508 25.00 -2.20 14.01
CA SER A 508 24.64 -1.95 15.41
C SER A 508 23.13 -2.05 15.57
N SER A 509 22.55 -3.17 15.13
CA SER A 509 21.12 -3.37 15.22
C SER A 509 20.81 -4.67 15.96
N HIS A 510 19.68 -4.71 16.64
CA HIS A 510 19.30 -5.90 17.38
C HIS A 510 17.82 -6.18 17.17
N LEU A 511 17.45 -7.45 17.31
CA LEU A 511 16.06 -7.87 17.12
C LEU A 511 15.63 -8.40 18.47
N PHE A 512 14.32 -8.54 18.68
CA PHE A 512 13.85 -9.01 19.97
C PHE A 512 12.46 -9.57 19.93
N ALA A 513 12.28 -10.74 20.53
CA ALA A 513 10.97 -11.35 20.59
C ALA A 513 10.55 -11.16 22.03
N PHE A 514 9.51 -10.36 22.25
CA PHE A 514 9.06 -10.12 23.62
C PHE A 514 7.61 -10.51 23.96
N ASN A 515 7.27 -10.28 25.22
CA ASN A 515 5.97 -10.56 25.79
C ASN A 515 6.03 -9.99 27.19
N TYR A 516 5.66 -8.74 27.34
CA TYR A 516 5.68 -8.07 28.62
C TYR A 516 4.33 -8.16 29.32
N GLY A 517 3.44 -8.98 28.77
CA GLY A 517 2.11 -9.13 29.35
C GLY A 517 2.06 -10.07 30.56
N TYR A 518 0.86 -10.24 31.11
CA TYR A 518 0.70 -11.12 32.26
C TYR A 518 1.00 -12.57 31.85
N GLN A 519 -0.04 -13.29 31.43
CA GLN A 519 0.12 -14.67 31.00
C GLN A 519 1.27 -14.79 30.01
N SER A 520 2.00 -15.89 30.13
CA SER A 520 3.13 -16.20 29.27
C SER A 520 2.68 -16.94 28.00
N VAL A 521 3.18 -16.52 26.84
CA VAL A 521 2.82 -17.18 25.58
C VAL A 521 4.01 -17.98 25.07
N ASP A 522 3.77 -18.86 24.10
CA ASP A 522 4.85 -19.70 23.54
C ASP A 522 5.20 -19.39 22.07
N VAL A 523 6.47 -19.58 21.74
CA VAL A 523 6.96 -19.36 20.38
C VAL A 523 7.01 -20.72 19.71
N LEU A 524 6.01 -21.03 18.90
CA LEU A 524 5.94 -22.30 18.22
C LEU A 524 7.07 -22.43 17.22
N ASN A 525 7.49 -21.29 16.68
CA ASN A 525 8.54 -21.23 15.69
C ASN A 525 8.84 -19.75 15.37
N LEU A 526 10.01 -19.50 14.80
CA LEU A 526 10.42 -18.13 14.43
C LEU A 526 11.64 -18.19 13.53
N ASN A 527 11.51 -17.61 12.32
CA ASN A 527 12.61 -17.59 11.38
C ASN A 527 12.95 -16.17 10.95
N ALA A 528 14.21 -15.82 11.16
CA ALA A 528 14.73 -14.51 10.80
C ALA A 528 15.75 -14.77 9.69
N TRP A 529 15.56 -14.11 8.55
CA TRP A 529 16.49 -14.29 7.45
C TRP A 529 17.15 -12.96 7.13
N SER A 530 18.48 -12.94 7.10
CA SER A 530 19.20 -11.73 6.76
C SER A 530 18.82 -11.47 5.31
N MET A 531 18.82 -10.20 4.89
CA MET A 531 18.44 -9.85 3.53
C MET A 531 19.50 -9.04 2.76
N ASN A 532 20.01 -9.65 1.69
CA ASN A 532 20.99 -9.03 0.82
C ASN A 532 20.35 -7.85 0.11
N SER A 533 21.17 -7.03 -0.51
CA SER A 533 20.69 -5.86 -1.22
C SER A 533 20.09 -6.17 -2.58
N ALA A 534 19.21 -5.29 -3.02
CA ALA A 534 18.57 -5.44 -4.32
C ALA A 534 19.08 -4.27 -5.14
N GLN A 535 19.33 -4.53 -6.42
CA GLN A 535 19.83 -3.50 -7.34
C GLN A 535 18.76 -2.47 -7.68
N ILE A 536 18.72 -1.41 -6.88
CA ILE A 536 17.76 -0.33 -7.04
C ILE A 536 18.42 0.94 -7.60
N SER A 537 17.70 1.60 -8.51
CA SER A 537 18.15 2.85 -9.14
C SER A 537 16.99 3.47 -9.93
C1 GLC B . -2.11 14.75 -3.01
C2 GLC B . -3.13 15.90 -2.84
C3 GLC B . -2.48 17.27 -3.01
C4 GLC B . -1.36 17.38 -1.97
C5 GLC B . -0.33 16.26 -2.18
C6 GLC B . 0.82 16.27 -1.16
O2 GLC B . -4.21 15.72 -3.77
O3 GLC B . -3.44 18.31 -2.83
O4 GLC B . -0.75 18.65 -2.10
O5 GLC B . -0.96 14.95 -2.09
O6 GLC B . 0.28 16.25 0.17
C1 FRU B . -1.27 12.12 -4.07
C2 FRU B . -1.32 13.34 -5.00
C3 FRU B . -2.19 13.07 -6.24
C4 FRU B . -1.54 13.90 -7.31
C5 FRU B . -0.07 13.86 -6.88
C6 FRU B . 0.64 15.19 -7.02
O1 FRU B . -2.55 11.83 -3.53
O2 FRU B . -1.73 14.64 -4.42
O3 FRU B . -3.55 13.44 -6.09
O4 FRU B . -1.72 13.32 -8.62
O5 FRU B . -0.02 13.52 -5.51
O6 FRU B . 0.82 15.45 -8.40
C1 NAG C . 2.96 12.55 5.45
C2 NAG C . 2.15 12.15 6.69
C3 NAG C . 2.44 13.05 7.91
C4 NAG C . 3.93 13.35 8.10
C5 NAG C . 4.47 13.83 6.75
C6 NAG C . 5.91 14.29 6.71
C7 NAG C . -0.01 13.24 6.85
C8 NAG C . -0.18 14.47 5.99
N2 NAG C . 0.72 12.24 6.39
O3 NAG C . 1.91 12.47 9.08
O4 NAG C . 4.08 14.37 9.07
O5 NAG C . 4.32 12.79 5.79
O6 NAG C . 6.23 14.84 5.44
O7 NAG C . -0.56 13.20 7.96
C1 NAG D . 13.13 1.72 -32.63
C2 NAG D . 14.30 0.73 -32.49
C3 NAG D . 14.46 -0.16 -33.74
C4 NAG D . 13.12 -0.73 -34.21
C5 NAG D . 12.07 0.38 -34.29
C6 NAG D . 10.70 -0.18 -34.63
C7 NAG D . 16.65 0.84 -32.02
C8 NAG D . 17.58 0.52 -33.20
N2 NAG D . 15.53 1.47 -32.30
O3 NAG D . 15.32 -1.25 -33.43
O4 NAG D . 13.29 -1.31 -35.50
O5 NAG D . 11.94 1.02 -33.01
O6 NAG D . 10.55 -0.31 -36.04
O7 NAG D . 16.97 0.50 -30.88
C1 NAG E . -12.66 24.13 -5.62
C2 NAG E . -11.46 24.14 -4.64
C3 NAG E . -11.22 25.56 -4.08
C4 NAG E . -11.11 26.57 -5.22
C5 NAG E . -12.35 26.45 -6.10
C6 NAG E . -12.31 27.39 -7.28
C7 NAG E . -10.83 22.28 -3.26
C8 NAG E . -9.80 22.60 -2.18
N2 NAG E . -11.72 23.22 -3.54
O3 NAG E . -10.03 25.57 -3.29
O4 NAG E . -11.00 27.88 -4.70
O5 NAG E . -12.47 25.12 -6.64
O6 NAG E . -11.80 26.74 -8.42
O7 NAG E . -10.83 21.19 -3.82
#